data_3DPK
#
_entry.id   3DPK
#
_cell.length_a   80.950
_cell.length_b   80.950
_cell.length_c   145.420
_cell.angle_alpha   90.00
_cell.angle_beta   90.00
_cell.angle_gamma   120.00
#
_symmetry.space_group_name_H-M   'H 3'
#
loop_
_entity.id
_entity.type
_entity.pdbx_description
1 polymer 'Macrophage colony-stimulating factor 1 receptor, Fibroblast growth factor receptor 1'
2 non-polymer 'SULFATE ION'
3 non-polymer 8-cyclohexyl-N-methoxy-5-oxo-2-{[4-(2-pyrrolidin-1-ylethyl)phenyl]amino}-5,8-dihydropyrido[2,3-d]pyrimidine-6-carboxamide
4 water water
#
_entity_poly.entity_id   1
_entity_poly.type   'polypeptide(L)'
_entity_poly.pdbx_seq_one_letter_code
;GVDYKYKQKPKYQVRWKIIESYEGNSYTFIDPTQLPYNEKWEFPRNNLQFGKTLGAGAFGKVVEATAFGLGKEDAVLKVA
VKMLKSTAHADEKEALMSELKIMSHLGQHENIVNLLGACTHGGPVLVITEYCCYGDLLNFLRRKRPPGLEYSYNPSHNPE
EQLSSRDLLHFSSQVAQGMAFLASKNCIHRDVAARNVLLTNGHVAKIGDFGLARDIMNDSNYIVKGNARLPVKWMAPESI
FDCVYTVQSDVWSYGILLWEIFSLGLNPYPGILVNSKFYKLVKDGYQMAQPAFAPKNIYSIMQACWALEPTHRPTFQQIC
SFLQEQAQEDRRERD
;
_entity_poly.pdbx_strand_id   A
#
loop_
_chem_comp.id
_chem_comp.type
_chem_comp.name
_chem_comp.formula
8C5 non-polymer 8-cyclohexyl-N-methoxy-5-oxo-2-{[4-(2-pyrrolidin-1-ylethyl)phenyl]amino}-5,8-dihydropyrido[2,3-d]pyrimidine-6-carboxamide 'C27 H34 N6 O3'
SO4 non-polymer 'SULFATE ION' 'O4 S -2'
#
# COMPACT_ATOMS: atom_id res chain seq x y z
N VAL A 14 -3.06 2.01 9.52
CA VAL A 14 -1.69 2.22 9.98
C VAL A 14 -0.69 1.48 9.03
N ARG A 15 -0.39 0.23 9.37
CA ARG A 15 0.60 -0.61 8.70
C ARG A 15 -0.07 -1.97 8.45
N TRP A 16 0.61 -2.88 7.78
CA TRP A 16 0.02 -4.16 7.44
C TRP A 16 -0.13 -5.01 8.69
N LYS A 17 -1.18 -5.80 8.73
CA LYS A 17 -1.47 -6.64 9.88
C LYS A 17 -2.09 -7.98 9.50
N ILE A 18 -1.59 -9.05 10.13
CA ILE A 18 -2.14 -10.39 9.92
C ILE A 18 -3.22 -10.59 10.96
N ILE A 19 -4.39 -11.00 10.50
CA ILE A 19 -5.51 -11.22 11.39
C ILE A 19 -5.86 -12.72 11.36
N GLU A 20 -6.70 -13.16 12.28
CA GLU A 20 -7.19 -14.53 12.33
C GLU A 20 -8.44 -14.71 11.44
N SER A 21 -8.54 -15.90 10.83
CA SER A 21 -9.56 -16.29 9.86
C SER A 21 -10.33 -15.16 9.22
N SER A 26 -8.94 -18.97 4.05
CA SER A 26 -7.55 -19.14 4.49
C SER A 26 -7.41 -19.13 6.01
N TYR A 27 -6.39 -19.82 6.53
CA TYR A 27 -6.25 -20.06 7.96
C TYR A 27 -4.90 -19.50 8.38
N THR A 28 -4.89 -18.89 9.57
CA THR A 28 -3.68 -18.32 10.17
C THR A 28 -3.15 -19.25 11.25
N PHE A 29 -2.05 -19.92 10.94
CA PHE A 29 -1.47 -20.89 11.84
C PHE A 29 -0.50 -20.19 12.79
N ILE A 30 0.22 -19.19 12.28
CA ILE A 30 1.27 -18.54 13.07
C ILE A 30 1.16 -17.04 13.02
N ASP A 31 1.58 -16.38 14.10
CA ASP A 31 1.72 -14.92 14.09
C ASP A 31 3.19 -14.62 13.96
N PRO A 32 3.64 -14.21 12.75
CA PRO A 32 5.05 -13.86 12.64
C PRO A 32 5.35 -12.62 13.48
N TYR A 37 13.30 -14.20 13.63
CA TYR A 37 13.76 -13.79 12.30
C TYR A 37 14.60 -14.89 11.67
N ASN A 38 14.18 -15.35 10.50
CA ASN A 38 14.93 -16.38 9.78
C ASN A 38 16.20 -15.81 9.16
N GLU A 39 17.33 -16.30 9.63
CA GLU A 39 18.60 -15.75 9.25
C GLU A 39 18.96 -16.07 7.78
N LYS A 40 18.08 -16.78 7.09
CA LYS A 40 18.30 -17.04 5.66
C LYS A 40 18.32 -15.71 4.90
N TRP A 41 17.66 -14.70 5.44
CA TRP A 41 17.55 -13.38 4.75
C TRP A 41 18.75 -12.50 4.92
N GLU A 42 19.65 -12.88 5.82
CA GLU A 42 20.77 -11.98 6.17
C GLU A 42 21.67 -11.71 4.97
N PHE A 43 22.06 -10.46 4.82
CA PHE A 43 22.89 -9.99 3.73
C PHE A 43 23.94 -9.09 4.34
N PRO A 44 25.16 -9.13 3.82
CA PRO A 44 26.24 -8.30 4.39
C PRO A 44 26.15 -6.82 4.04
N ARG A 45 26.10 -5.95 5.03
CA ARG A 45 25.83 -4.54 4.75
C ARG A 45 26.94 -3.88 3.95
N ASN A 46 28.15 -4.43 4.01
CA ASN A 46 29.29 -3.90 3.27
C ASN A 46 29.12 -4.07 1.75
N ASN A 47 28.17 -4.91 1.39
CA ASN A 47 27.86 -5.17 -0.01
C ASN A 47 26.67 -4.32 -0.50
N LEU A 48 26.34 -3.29 0.25
CA LEU A 48 25.38 -2.27 -0.20
C LEU A 48 26.12 -0.91 -0.31
N GLN A 49 25.83 -0.15 -1.35
CA GLN A 49 26.26 1.24 -1.45
C GLN A 49 25.01 2.09 -1.52
N PHE A 50 24.84 3.00 -0.56
CA PHE A 50 23.64 3.85 -0.50
C PHE A 50 23.66 4.98 -1.51
N GLY A 51 22.49 5.22 -2.07
CA GLY A 51 22.27 6.34 -2.95
C GLY A 51 21.33 7.32 -2.30
N LYS A 52 20.40 7.82 -3.10
CA LYS A 52 19.54 8.92 -2.71
C LYS A 52 18.38 8.45 -1.82
N THR A 53 17.84 9.37 -1.04
CA THR A 53 16.72 9.09 -0.17
C THR A 53 15.41 9.20 -0.96
N LEU A 54 14.55 8.20 -0.88
CA LEU A 54 13.28 8.16 -1.61
C LEU A 54 12.15 8.75 -0.79
N GLY A 55 12.24 8.62 0.52
CA GLY A 55 11.22 9.18 1.38
C GLY A 55 11.47 8.80 2.83
N ALA A 56 10.78 9.48 3.74
CA ALA A 56 10.92 9.22 5.15
C ALA A 56 9.65 9.59 5.89
N GLY A 57 9.39 8.82 6.97
CA GLY A 57 8.36 9.10 7.95
C GLY A 57 8.94 9.70 9.21
N ALA A 58 8.19 9.62 10.31
CA ALA A 58 8.64 10.15 11.59
C ALA A 58 9.80 9.32 12.11
N PHE A 59 9.77 8.03 11.89
CA PHE A 59 10.79 7.18 12.50
C PHE A 59 11.62 6.36 11.54
N GLY A 60 11.25 6.40 10.27
CA GLY A 60 11.92 5.60 9.27
C GLY A 60 12.22 6.32 7.97
N LYS A 61 13.15 5.76 7.22
CA LYS A 61 13.46 6.28 5.90
C LYS A 61 13.89 5.17 4.96
N VAL A 62 13.69 5.38 3.67
CA VAL A 62 14.09 4.42 2.66
C VAL A 62 15.02 5.11 1.69
N VAL A 63 16.12 4.43 1.33
CA VAL A 63 17.08 4.95 0.39
C VAL A 63 17.23 3.95 -0.75
N GLU A 64 17.54 4.44 -1.93
CA GLU A 64 17.87 3.58 -3.03
C GLU A 64 19.29 3.13 -2.80
N ALA A 65 19.63 1.92 -3.21
CA ALA A 65 20.98 1.40 -3.06
C ALA A 65 21.32 0.46 -4.18
N THR A 66 22.61 0.22 -4.33
CA THR A 66 23.10 -0.88 -5.13
C THR A 66 23.52 -2.00 -4.19
N ALA A 67 23.03 -3.21 -4.45
CA ALA A 67 23.48 -4.38 -3.70
C ALA A 67 24.33 -5.27 -4.62
N PHE A 68 25.53 -5.62 -4.14
CA PHE A 68 26.42 -6.48 -4.91
C PHE A 68 26.37 -7.91 -4.39
N GLY A 69 25.99 -8.84 -5.26
CA GLY A 69 25.98 -10.24 -4.86
C GLY A 69 24.79 -10.64 -4.01
N LEU A 70 23.60 -10.35 -4.50
CA LEU A 70 22.38 -10.58 -3.75
C LEU A 70 21.63 -11.77 -4.29
N GLY A 71 21.39 -12.77 -3.43
CA GLY A 71 20.63 -13.95 -3.81
C GLY A 71 21.50 -15.14 -4.18
N ALA A 75 24.61 -11.23 -8.47
CA ALA A 75 23.54 -10.34 -8.93
C ALA A 75 23.75 -8.94 -8.41
N VAL A 76 23.99 -7.99 -9.31
CA VAL A 76 24.16 -6.60 -8.92
C VAL A 76 22.92 -5.81 -9.30
N LEU A 77 22.31 -5.20 -8.29
CA LEU A 77 20.90 -4.84 -8.35
C LEU A 77 20.66 -3.51 -7.66
N LYS A 78 19.87 -2.65 -8.28
CA LYS A 78 19.32 -1.50 -7.57
C LYS A 78 18.24 -2.05 -6.64
N VAL A 79 18.27 -1.62 -5.38
CA VAL A 79 17.33 -2.12 -4.37
C VAL A 79 16.88 -0.94 -3.53
N ALA A 80 15.85 -1.15 -2.70
CA ALA A 80 15.44 -0.13 -1.75
C ALA A 80 15.80 -0.66 -0.36
N VAL A 81 16.33 0.22 0.49
CA VAL A 81 16.71 -0.16 1.82
C VAL A 81 16.02 0.71 2.84
N LYS A 82 15.32 0.05 3.74
CA LYS A 82 14.60 0.75 4.77
C LYS A 82 15.39 0.66 6.08
N MET A 83 15.43 1.76 6.81
CA MET A 83 16.19 1.84 8.09
C MET A 83 15.57 2.85 9.08
N LEU A 84 15.96 2.77 10.34
CA LEU A 84 15.45 3.74 11.29
C LEU A 84 16.18 5.09 11.20
N LYS A 85 15.46 6.12 11.62
CA LYS A 85 16.02 7.48 11.80
C LYS A 85 16.57 7.58 13.21
N SER A 86 17.27 8.68 13.49
CA SER A 86 17.93 8.89 14.80
C SER A 86 16.90 9.08 15.91
N THR A 87 15.78 9.68 15.54
CA THR A 87 14.64 9.86 16.44
C THR A 87 13.97 8.56 16.96
N ALA A 88 14.36 7.38 16.46
CA ALA A 88 13.69 6.13 16.88
C ALA A 88 14.28 5.47 18.14
N HIS A 89 13.39 4.94 18.98
CA HIS A 89 13.79 4.13 20.13
C HIS A 89 13.35 2.66 19.97
N ALA A 90 13.55 1.88 21.03
CA ALA A 90 13.34 0.44 20.98
C ALA A 90 11.94 0.04 20.48
N ASP A 91 10.93 0.86 20.78
CA ASP A 91 9.57 0.58 20.30
C ASP A 91 9.51 0.55 18.76
N GLU A 92 10.28 1.44 18.13
CA GLU A 92 10.27 1.60 16.67
C GLU A 92 11.16 0.56 15.98
N LYS A 93 12.21 0.14 16.68
CA LYS A 93 13.12 -0.86 16.14
C LYS A 93 12.33 -2.15 16.08
N GLU A 94 11.42 -2.32 17.03
CA GLU A 94 10.58 -3.50 17.09
C GLU A 94 9.53 -3.50 15.97
N ALA A 95 8.91 -2.36 15.73
CA ALA A 95 7.98 -2.24 14.60
C ALA A 95 8.67 -2.55 13.26
N LEU A 96 9.93 -2.17 13.15
CA LEU A 96 10.66 -2.45 11.93
C LEU A 96 10.94 -3.94 11.80
N MET A 97 11.38 -4.57 12.88
CA MET A 97 11.61 -6.04 12.88
C MET A 97 10.32 -6.82 12.62
N SER A 98 9.22 -6.26 13.10
CA SER A 98 7.91 -6.85 12.92
C SER A 98 7.41 -6.71 11.49
N GLU A 99 7.77 -5.63 10.82
CA GLU A 99 7.47 -5.55 9.43
C GLU A 99 8.31 -6.55 8.62
N LEU A 100 9.56 -6.73 9.02
CA LEU A 100 10.48 -7.64 8.34
C LEU A 100 9.96 -9.07 8.46
N LYS A 101 9.42 -9.37 9.63
CA LYS A 101 8.88 -10.70 9.94
C LYS A 101 7.60 -11.02 9.15
N ILE A 102 6.72 -10.03 9.01
CA ILE A 102 5.54 -10.21 8.18
C ILE A 102 5.97 -10.49 6.75
N MET A 103 6.80 -9.60 6.19
CA MET A 103 7.30 -9.76 4.84
CA MET A 103 7.28 -9.75 4.83
C MET A 103 7.97 -11.12 4.60
N SER A 104 8.76 -11.60 5.57
CA SER A 104 9.47 -12.88 5.37
C SER A 104 8.47 -14.04 5.28
N HIS A 105 7.34 -13.90 5.98
CA HIS A 105 6.38 -14.95 6.06
C HIS A 105 5.35 -14.94 4.92
N LEU A 106 5.04 -13.79 4.34
CA LEU A 106 3.99 -13.75 3.31
C LEU A 106 4.39 -14.52 2.06
N GLY A 107 5.67 -14.50 1.71
CA GLY A 107 6.06 -15.07 0.44
C GLY A 107 5.95 -14.05 -0.67
N GLN A 108 6.27 -14.48 -1.88
CA GLN A 108 6.46 -13.54 -2.95
C GLN A 108 5.24 -13.46 -3.84
N HIS A 109 5.09 -12.33 -4.53
CA HIS A 109 4.01 -12.16 -5.50
C HIS A 109 4.42 -11.02 -6.42
N GLU A 110 4.08 -11.14 -7.69
CA GLU A 110 4.51 -10.14 -8.69
C GLU A 110 4.02 -8.74 -8.37
N ASN A 111 2.92 -8.60 -7.63
CA ASN A 111 2.36 -7.23 -7.40
C ASN A 111 2.52 -6.71 -5.97
N ILE A 112 3.52 -7.26 -5.29
CA ILE A 112 3.93 -6.79 -3.97
C ILE A 112 5.38 -6.37 -4.10
N VAL A 113 5.80 -5.41 -3.26
CA VAL A 113 7.20 -5.04 -3.21
C VAL A 113 7.84 -6.16 -2.40
N ASN A 114 8.64 -7.00 -3.01
CA ASN A 114 9.13 -8.19 -2.30
C ASN A 114 10.39 -8.01 -1.43
N LEU A 115 10.44 -8.75 -0.34
CA LEU A 115 11.64 -8.80 0.50
C LEU A 115 12.78 -9.50 -0.22
N LEU A 116 13.96 -8.91 -0.18
CA LEU A 116 15.15 -9.50 -0.80
C LEU A 116 16.24 -9.88 0.19
N GLY A 117 16.25 -9.21 1.33
CA GLY A 117 17.31 -9.38 2.30
C GLY A 117 17.11 -8.49 3.52
N ALA A 118 17.96 -8.69 4.51
CA ALA A 118 17.97 -7.84 5.69
C ALA A 118 19.38 -7.85 6.29
N CYS A 119 19.72 -6.78 7.00
CA CYS A 119 20.96 -6.74 7.76
C CYS A 119 20.59 -6.43 9.19
N THR A 120 20.63 -7.43 10.05
CA THR A 120 20.15 -7.27 11.41
C THR A 120 21.31 -7.36 12.40
N HIS A 121 22.52 -7.60 11.89
CA HIS A 121 23.72 -7.68 12.75
C HIS A 121 24.80 -6.77 12.21
N GLY A 122 25.75 -6.40 13.08
CA GLY A 122 26.87 -5.59 12.65
C GLY A 122 26.50 -4.16 12.37
N GLY A 123 25.33 -3.73 12.84
CA GLY A 123 24.90 -2.36 12.64
C GLY A 123 23.40 -2.18 12.80
N PRO A 124 22.90 -0.98 12.48
CA PRO A 124 21.46 -0.75 12.53
C PRO A 124 20.70 -1.71 11.60
N VAL A 125 19.46 -2.03 11.96
CA VAL A 125 18.65 -2.91 11.14
C VAL A 125 18.35 -2.25 9.78
N LEU A 126 18.66 -2.98 8.71
CA LEU A 126 18.39 -2.60 7.34
C LEU A 126 17.43 -3.64 6.73
N VAL A 127 16.37 -3.19 6.05
CA VAL A 127 15.48 -4.12 5.33
C VAL A 127 15.58 -3.82 3.86
N ILE A 128 15.86 -4.86 3.08
CA ILE A 128 16.15 -4.71 1.67
C ILE A 128 15.01 -5.25 0.82
N THR A 129 14.45 -4.40 -0.03
CA THR A 129 13.29 -4.76 -0.86
C THR A 129 13.53 -4.38 -2.30
N GLU A 130 12.64 -4.84 -3.18
CA GLU A 130 12.73 -4.48 -4.58
C GLU A 130 12.60 -2.96 -4.76
N TYR A 131 13.41 -2.39 -5.65
CA TYR A 131 13.34 -0.98 -6.02
C TYR A 131 12.39 -0.82 -7.21
N CYS A 132 11.43 0.10 -7.09
CA CYS A 132 10.47 0.39 -8.15
C CYS A 132 10.86 1.69 -8.80
N CYS A 133 11.43 1.58 -9.98
CA CYS A 133 12.10 2.73 -10.60
C CYS A 133 11.20 3.91 -11.05
N TYR A 134 9.90 3.71 -11.22
CA TYR A 134 9.06 4.80 -11.71
C TYR A 134 8.36 5.58 -10.63
N GLY A 135 8.60 5.17 -9.39
CA GLY A 135 8.06 5.88 -8.24
C GLY A 135 6.60 5.59 -8.01
N ASP A 136 5.89 6.52 -7.40
CA ASP A 136 4.51 6.25 -7.03
C ASP A 136 3.48 6.59 -8.14
N LEU A 137 2.37 5.90 -8.04
CA LEU A 137 1.29 5.98 -9.01
C LEU A 137 0.62 7.35 -9.04
N LEU A 138 0.43 7.92 -7.86
CA LEU A 138 -0.19 9.23 -7.78
C LEU A 138 0.53 10.29 -8.60
N ASN A 139 1.83 10.42 -8.39
CA ASN A 139 2.64 11.34 -9.19
C ASN A 139 2.70 11.02 -10.70
N PHE A 140 2.73 9.73 -11.03
CA PHE A 140 2.71 9.27 -12.42
C PHE A 140 1.38 9.68 -13.10
N LEU A 141 0.28 9.53 -12.38
CA LEU A 141 -1.03 9.93 -12.90
C LEU A 141 -1.10 11.42 -13.12
N ARG A 142 -0.48 12.16 -12.20
CA ARG A 142 -0.56 13.61 -12.24
C ARG A 142 0.36 14.26 -13.31
N ARG A 143 1.40 13.57 -13.78
CA ARG A 143 2.41 14.21 -14.62
C ARG A 143 2.01 14.40 -16.11
N GLN A 162 1.66 9.16 -23.89
CA GLN A 162 0.36 9.38 -23.24
C GLN A 162 -0.15 8.16 -22.46
N LEU A 163 -1.07 8.42 -21.52
CA LEU A 163 -1.71 7.36 -20.75
C LEU A 163 -2.93 6.88 -21.50
N SER A 164 -3.08 5.56 -21.57
CA SER A 164 -4.20 4.98 -22.29
C SER A 164 -5.16 4.31 -21.34
N SER A 165 -6.39 4.09 -21.81
CA SER A 165 -7.40 3.47 -21.01
C SER A 165 -6.94 2.07 -20.62
N ARG A 166 -6.25 1.37 -21.52
CA ARG A 166 -5.77 0.03 -21.20
C ARG A 166 -4.71 0.04 -20.07
N ASP A 167 -3.84 1.06 -20.04
CA ASP A 167 -2.90 1.22 -18.94
C ASP A 167 -3.58 1.39 -17.58
N LEU A 168 -4.64 2.19 -17.54
CA LEU A 168 -5.39 2.44 -16.33
C LEU A 168 -6.05 1.17 -15.85
N LEU A 169 -6.61 0.41 -16.78
CA LEU A 169 -7.18 -0.87 -16.42
C LEU A 169 -6.12 -1.85 -15.89
N HIS A 170 -4.93 -1.82 -16.48
CA HIS A 170 -3.84 -2.69 -16.00
C HIS A 170 -3.42 -2.33 -14.56
N PHE A 171 -3.29 -1.05 -14.26
CA PHE A 171 -2.86 -0.67 -12.92
C PHE A 171 -3.88 -1.22 -11.96
N SER A 172 -5.14 -1.05 -12.34
CA SER A 172 -6.28 -1.44 -11.51
C SER A 172 -6.25 -2.95 -11.24
N SER A 173 -6.00 -3.71 -12.30
CA SER A 173 -5.91 -5.17 -12.16
C SER A 173 -4.70 -5.63 -11.36
N GLN A 174 -3.56 -5.01 -11.62
CA GLN A 174 -2.35 -5.34 -10.90
C GLN A 174 -2.51 -5.16 -9.38
N VAL A 175 -3.06 -4.01 -8.97
CA VAL A 175 -3.32 -3.75 -7.56
C VAL A 175 -4.34 -4.72 -6.99
N ALA A 176 -5.40 -5.00 -7.73
CA ALA A 176 -6.37 -5.97 -7.27
C ALA A 176 -5.76 -7.38 -7.01
N GLN A 177 -4.77 -7.76 -7.82
CA GLN A 177 -4.11 -9.06 -7.74
C GLN A 177 -3.25 -9.09 -6.47
N GLY A 178 -2.58 -7.97 -6.21
CA GLY A 178 -1.76 -7.87 -5.01
C GLY A 178 -2.65 -7.91 -3.80
N MET A 179 -3.81 -7.26 -3.86
CA MET A 179 -4.72 -7.23 -2.74
C MET A 179 -5.37 -8.62 -2.52
N ALA A 180 -5.67 -9.34 -3.59
CA ALA A 180 -6.25 -10.69 -3.44
C ALA A 180 -5.22 -11.60 -2.80
N PHE A 181 -3.97 -11.39 -3.17
CA PHE A 181 -2.89 -12.12 -2.51
C PHE A 181 -2.84 -11.88 -1.00
N LEU A 182 -2.87 -10.60 -0.61
CA LEU A 182 -2.87 -10.27 0.80
C LEU A 182 -4.07 -10.90 1.54
N ALA A 183 -5.26 -10.73 0.99
CA ALA A 183 -6.48 -11.28 1.57
C ALA A 183 -6.36 -12.81 1.74
N SER A 184 -5.69 -13.47 0.79
CA SER A 184 -5.51 -14.91 0.83
C SER A 184 -4.56 -15.29 1.97
N LYS A 185 -3.80 -14.32 2.46
CA LYS A 185 -2.86 -14.53 3.57
C LYS A 185 -3.39 -13.95 4.87
N ASN A 186 -4.66 -13.59 4.87
CA ASN A 186 -5.26 -12.99 6.03
C ASN A 186 -4.49 -11.74 6.46
N CYS A 187 -4.04 -10.98 5.48
CA CYS A 187 -3.30 -9.77 5.74
C CYS A 187 -4.11 -8.52 5.29
N ILE A 188 -4.26 -7.58 6.19
CA ILE A 188 -4.91 -6.32 5.89
C ILE A 188 -3.88 -5.22 5.74
N HIS A 189 -4.16 -4.35 4.78
CA HIS A 189 -3.23 -3.32 4.31
C HIS A 189 -3.41 -2.00 5.10
N ARG A 190 -4.63 -1.50 5.13
CA ARG A 190 -5.07 -0.34 5.93
C ARG A 190 -4.61 1.03 5.43
N ASP A 191 -3.95 1.12 4.28
CA ASP A 191 -3.64 2.45 3.69
C ASP A 191 -3.66 2.35 2.17
N VAL A 192 -4.69 1.72 1.62
CA VAL A 192 -4.75 1.57 0.16
C VAL A 192 -5.02 2.97 -0.44
N ALA A 193 -4.25 3.33 -1.44
CA ALA A 193 -4.26 4.71 -1.98
C ALA A 193 -3.22 4.81 -3.05
N ALA A 194 -3.45 5.69 -4.01
CA ALA A 194 -2.50 5.81 -5.11
C ALA A 194 -1.08 6.17 -4.71
N ARG A 195 -0.96 7.00 -3.70
CA ARG A 195 0.34 7.35 -3.15
C ARG A 195 1.09 6.11 -2.64
N ASN A 196 0.36 5.03 -2.37
CA ASN A 196 0.95 3.79 -1.84
C ASN A 196 1.00 2.64 -2.86
N VAL A 197 0.91 2.99 -4.13
CA VAL A 197 1.16 2.05 -5.21
C VAL A 197 2.39 2.55 -5.92
N LEU A 198 3.33 1.65 -6.17
CA LEU A 198 4.55 1.98 -6.88
C LEU A 198 4.54 1.32 -8.25
N LEU A 199 5.28 1.91 -9.20
CA LEU A 199 5.45 1.40 -10.56
C LEU A 199 6.89 1.00 -10.81
N THR A 200 7.05 -0.25 -11.23
CA THR A 200 8.38 -0.77 -11.54
C THR A 200 8.56 -0.99 -13.03
N ASN A 201 9.58 -1.76 -13.43
CA ASN A 201 9.81 -2.10 -14.83
C ASN A 201 8.55 -2.58 -15.53
N GLY A 202 8.34 -2.11 -16.75
CA GLY A 202 7.11 -2.37 -17.48
C GLY A 202 5.92 -1.57 -16.94
N HIS A 203 6.22 -0.60 -16.08
CA HIS A 203 5.20 0.15 -15.37
C HIS A 203 4.20 -0.81 -14.70
N VAL A 204 4.72 -1.90 -14.17
CA VAL A 204 3.92 -2.84 -13.38
C VAL A 204 3.70 -2.31 -11.96
N ALA A 205 2.47 -2.39 -11.45
CA ALA A 205 2.15 -1.82 -10.13
C ALA A 205 2.45 -2.82 -9.02
N LYS A 206 2.96 -2.30 -7.91
CA LYS A 206 3.21 -3.08 -6.70
C LYS A 206 2.70 -2.31 -5.48
N ILE A 207 2.23 -3.04 -4.49
CA ILE A 207 1.91 -2.43 -3.21
C ILE A 207 2.93 -2.96 -2.19
N GLY A 208 3.05 -2.26 -1.06
CA GLY A 208 3.98 -2.64 -0.03
C GLY A 208 3.61 -1.98 1.29
N ASP A 209 4.33 -2.30 2.35
CA ASP A 209 4.02 -1.68 3.62
C ASP A 209 4.98 -0.51 3.83
N PHE A 210 4.51 0.69 3.48
CA PHE A 210 5.35 1.87 3.46
C PHE A 210 5.05 2.72 4.66
N GLY A 211 4.32 2.17 5.62
CA GLY A 211 3.85 2.97 6.73
C GLY A 211 4.96 3.61 7.56
N LEU A 212 6.14 2.99 7.63
CA LEU A 212 7.20 3.54 8.46
C LEU A 212 8.02 4.59 7.73
N ALA A 213 7.93 4.58 6.41
CA ALA A 213 8.71 5.52 5.60
C ALA A 213 7.82 6.51 4.89
N ARG A 214 6.56 6.55 5.28
CA ARG A 214 5.58 7.47 4.69
C ARG A 214 5.57 8.81 5.45
N ASP A 215 5.76 9.91 4.73
CA ASP A 215 5.79 11.25 5.35
C ASP A 215 4.42 11.74 5.87
N ILE A 216 3.92 11.09 6.92
CA ILE A 216 2.56 11.26 7.40
C ILE A 216 2.28 12.64 8.09
N MET A 217 3.26 13.12 8.80
CA MET A 217 3.11 14.30 9.65
C MET A 217 2.96 15.57 8.80
N ASN A 218 3.54 15.56 7.61
CA ASN A 218 3.58 16.73 6.72
C ASN A 218 2.63 16.58 5.51
N ASP A 219 1.79 15.55 5.57
CA ASP A 219 0.82 15.25 4.52
C ASP A 219 -0.58 15.45 5.06
N SER A 220 -1.27 16.44 4.51
CA SER A 220 -2.53 16.89 5.06
C SER A 220 -3.68 15.93 4.77
N ASN A 221 -3.41 14.92 3.95
CA ASN A 221 -4.37 13.85 3.75
C ASN A 221 -4.44 12.93 4.96
N TYR A 222 -3.46 13.01 5.86
CA TYR A 222 -3.63 12.27 7.13
C TYR A 222 -4.14 13.23 8.19
N ILE A 223 -5.31 12.88 8.74
CA ILE A 223 -6.08 13.75 9.62
C ILE A 223 -5.78 13.42 11.07
N VAL A 224 -5.39 14.44 11.82
CA VAL A 224 -5.02 14.22 13.21
C VAL A 224 -6.08 13.48 14.00
N ARG A 229 -3.10 9.88 13.25
CA ARG A 229 -3.23 10.54 11.93
C ARG A 229 -3.67 9.56 10.86
N LEU A 230 -4.87 9.76 10.33
CA LEU A 230 -5.53 8.74 9.52
C LEU A 230 -5.94 9.29 8.18
N PRO A 231 -5.87 8.45 7.13
CA PRO A 231 -6.18 8.88 5.76
C PRO A 231 -7.68 8.80 5.55
N VAL A 232 -8.40 9.70 6.20
CA VAL A 232 -9.86 9.58 6.36
C VAL A 232 -10.62 9.52 5.06
N LYS A 233 -10.19 10.26 4.03
CA LYS A 233 -10.93 10.24 2.75
C LYS A 233 -10.84 8.90 2.01
N TRP A 234 -9.95 8.03 2.46
CA TRP A 234 -9.80 6.69 1.88
C TRP A 234 -10.46 5.59 2.73
N MET A 235 -10.88 5.92 3.95
CA MET A 235 -11.31 4.91 4.93
C MET A 235 -12.79 4.57 4.83
N ALA A 236 -13.09 3.31 5.08
CA ALA A 236 -14.47 2.84 5.11
C ALA A 236 -15.16 3.43 6.34
N PRO A 237 -16.48 3.60 6.27
CA PRO A 237 -17.15 4.19 7.42
C PRO A 237 -16.95 3.35 8.70
N GLU A 238 -17.01 2.03 8.62
CA GLU A 238 -16.85 1.22 9.83
C GLU A 238 -15.48 1.46 10.44
N SER A 239 -14.49 1.75 9.60
CA SER A 239 -13.15 2.05 10.11
C SER A 239 -13.10 3.44 10.76
N ILE A 240 -13.85 4.40 10.23
CA ILE A 240 -13.92 5.74 10.84
C ILE A 240 -14.78 5.75 12.10
N PHE A 241 -15.94 5.12 12.03
CA PHE A 241 -16.88 5.20 13.14
C PHE A 241 -16.77 4.11 14.20
N ASP A 242 -16.10 2.99 13.86
CA ASP A 242 -15.91 1.92 14.84
C ASP A 242 -14.46 1.45 14.94
N CYS A 243 -13.56 2.08 14.21
CA CYS A 243 -12.17 1.64 14.20
C CYS A 243 -12.02 0.15 13.83
N VAL A 244 -13.01 -0.37 13.10
CA VAL A 244 -12.98 -1.73 12.58
C VAL A 244 -12.24 -1.76 11.25
N TYR A 245 -11.32 -2.72 11.10
CA TYR A 245 -10.53 -2.89 9.89
C TYR A 245 -10.52 -4.34 9.44
N THR A 246 -10.92 -4.56 8.19
CA THR A 246 -11.03 -5.89 7.60
C THR A 246 -10.60 -5.88 6.14
N VAL A 247 -10.59 -7.05 5.52
CA VAL A 247 -10.33 -7.10 4.10
C VAL A 247 -11.40 -6.24 3.40
N GLN A 248 -12.65 -6.35 3.82
CA GLN A 248 -13.74 -5.57 3.26
C GLN A 248 -13.56 -4.02 3.40
N SER A 249 -12.95 -3.60 4.49
CA SER A 249 -12.59 -2.18 4.63
C SER A 249 -11.52 -1.79 3.59
N ASP A 250 -10.60 -2.71 3.32
CA ASP A 250 -9.57 -2.51 2.28
C ASP A 250 -10.23 -2.39 0.92
N VAL A 251 -11.31 -3.14 0.70
CA VAL A 251 -12.03 -3.09 -0.54
C VAL A 251 -12.64 -1.70 -0.78
N TRP A 252 -13.16 -1.06 0.28
CA TRP A 252 -13.68 0.29 0.18
C TRP A 252 -12.57 1.24 -0.29
N SER A 253 -11.37 1.05 0.26
CA SER A 253 -10.25 1.93 -0.02
C SER A 253 -9.78 1.70 -1.42
N TYR A 254 -9.87 0.45 -1.87
CA TYR A 254 -9.58 0.12 -3.26
C TYR A 254 -10.47 0.90 -4.25
N GLY A 255 -11.76 1.03 -3.91
CA GLY A 255 -12.71 1.82 -4.71
C GLY A 255 -12.30 3.29 -4.82
N ILE A 256 -11.82 3.85 -3.70
CA ILE A 256 -11.27 5.21 -3.68
C ILE A 256 -10.05 5.32 -4.58
N LEU A 257 -9.19 4.31 -4.55
CA LEU A 257 -8.01 4.25 -5.40
C LEU A 257 -8.41 4.24 -6.85
N LEU A 258 -9.47 3.49 -7.17
CA LEU A 258 -9.97 3.43 -8.54
C LEU A 258 -10.39 4.82 -9.02
N TRP A 259 -11.06 5.54 -8.14
CA TRP A 259 -11.48 6.87 -8.45
C TRP A 259 -10.26 7.75 -8.70
N GLU A 260 -9.20 7.61 -7.89
CA GLU A 260 -7.95 8.34 -8.18
C GLU A 260 -7.35 8.04 -9.54
N ILE A 261 -7.32 6.77 -9.90
CA ILE A 261 -6.71 6.33 -11.14
C ILE A 261 -7.51 6.93 -12.31
N PHE A 262 -8.80 6.71 -12.30
CA PHE A 262 -9.67 7.13 -13.44
C PHE A 262 -10.09 8.61 -13.47
N SER A 263 -9.72 9.35 -12.44
CA SER A 263 -9.70 10.79 -12.48
C SER A 263 -8.30 11.35 -12.82
N LEU A 264 -7.33 10.46 -13.05
CA LEU A 264 -5.94 10.83 -13.27
C LEU A 264 -5.35 11.61 -12.12
N GLY A 265 -5.67 11.22 -10.90
CA GLY A 265 -5.01 11.81 -9.75
C GLY A 265 -5.67 12.95 -9.02
N LEU A 266 -6.99 13.16 -9.18
CA LEU A 266 -7.65 14.13 -8.34
C LEU A 266 -7.64 13.71 -6.89
N ASN A 267 -7.66 14.71 -6.01
CA ASN A 267 -7.85 14.47 -4.59
C ASN A 267 -9.28 14.03 -4.39
N PRO A 268 -9.49 12.93 -3.67
CA PRO A 268 -10.88 12.50 -3.49
C PRO A 268 -11.74 13.57 -2.80
N TYR A 269 -13.04 13.50 -3.05
CA TYR A 269 -14.03 14.42 -2.54
C TYR A 269 -13.58 15.85 -2.77
N PRO A 270 -13.38 16.21 -4.04
CA PRO A 270 -12.81 17.50 -4.46
C PRO A 270 -13.46 18.68 -3.77
N GLY A 271 -12.65 19.52 -3.14
CA GLY A 271 -13.16 20.73 -2.50
C GLY A 271 -13.93 20.52 -1.20
N ILE A 272 -14.12 19.27 -0.76
CA ILE A 272 -14.83 18.99 0.50
C ILE A 272 -13.82 18.83 1.63
N LEU A 273 -13.98 19.62 2.66
CA LEU A 273 -13.10 19.59 3.81
C LEU A 273 -13.47 18.39 4.69
N VAL A 274 -12.51 17.82 5.40
CA VAL A 274 -12.83 16.77 6.38
C VAL A 274 -13.31 17.45 7.66
N ASN A 275 -14.58 17.24 7.94
CA ASN A 275 -15.26 17.84 9.09
C ASN A 275 -16.59 17.13 9.30
N SER A 276 -17.33 17.55 10.30
CA SER A 276 -18.61 16.92 10.65
C SER A 276 -19.48 16.62 9.45
N LYS A 277 -19.55 17.56 8.53
CA LYS A 277 -20.41 17.40 7.36
C LYS A 277 -19.90 16.24 6.53
N PHE A 278 -18.58 16.11 6.43
CA PHE A 278 -18.01 15.06 5.61
C PHE A 278 -18.41 13.66 6.16
N TYR A 279 -18.22 13.46 7.45
CA TYR A 279 -18.62 12.22 8.08
C TYR A 279 -20.11 11.91 7.93
N LYS A 280 -20.98 12.91 8.05
CA LYS A 280 -22.39 12.66 7.88
C LYS A 280 -22.69 12.24 6.45
N LEU A 281 -21.97 12.81 5.49
CA LEU A 281 -22.21 12.51 4.09
C LEU A 281 -21.90 11.03 3.87
N VAL A 282 -20.70 10.59 4.26
CA VAL A 282 -20.32 9.19 3.96
C VAL A 282 -21.21 8.22 4.72
N LYS A 283 -21.56 8.57 5.95
CA LYS A 283 -22.45 7.74 6.76
C LYS A 283 -23.80 7.62 6.09
N ASP A 284 -24.21 8.68 5.41
CA ASP A 284 -25.53 8.75 4.83
C ASP A 284 -25.52 8.23 3.39
N GLY A 285 -24.38 7.73 2.94
CA GLY A 285 -24.34 7.01 1.69
C GLY A 285 -23.90 7.84 0.49
N TYR A 286 -23.38 9.03 0.74
CA TYR A 286 -22.83 9.88 -0.31
C TYR A 286 -21.66 9.17 -1.01
N GLN A 287 -21.65 9.24 -2.35
CA GLN A 287 -20.54 8.70 -3.16
C GLN A 287 -20.09 9.70 -4.21
N MET A 288 -18.79 9.74 -4.44
CA MET A 288 -18.22 10.62 -5.48
C MET A 288 -18.77 10.27 -6.82
N ALA A 289 -18.80 11.30 -7.66
CA ALA A 289 -19.29 11.15 -9.01
C ALA A 289 -18.33 10.36 -9.87
N GLN A 290 -18.89 9.74 -10.88
CA GLN A 290 -18.07 9.05 -11.89
C GLN A 290 -16.95 9.96 -12.42
N PRO A 291 -15.68 9.48 -12.35
CA PRO A 291 -14.58 10.26 -12.88
C PRO A 291 -14.62 10.37 -14.40
N ALA A 292 -14.00 11.40 -14.93
CA ALA A 292 -14.03 11.68 -16.36
C ALA A 292 -13.51 10.56 -17.26
N PHE A 293 -12.57 9.75 -16.77
CA PHE A 293 -12.00 8.71 -17.62
C PHE A 293 -12.39 7.28 -17.28
N ALA A 294 -13.34 7.12 -16.37
CA ALA A 294 -13.86 5.82 -16.01
C ALA A 294 -14.96 5.33 -16.93
N PRO A 295 -14.74 4.22 -17.65
CA PRO A 295 -15.90 3.55 -18.24
C PRO A 295 -16.94 3.25 -17.18
N LYS A 296 -18.19 3.16 -17.60
CA LYS A 296 -19.27 2.94 -16.64
C LYS A 296 -19.10 1.62 -15.86
N ASN A 297 -18.58 0.58 -16.51
CA ASN A 297 -18.40 -0.70 -15.82
C ASN A 297 -17.36 -0.55 -14.69
N ILE A 298 -16.40 0.35 -14.87
CA ILE A 298 -15.39 0.56 -13.83
C ILE A 298 -16.03 1.34 -12.68
N TYR A 299 -16.90 2.30 -13.01
CA TYR A 299 -17.56 3.06 -11.97
C TYR A 299 -18.45 2.11 -11.18
N SER A 300 -18.96 1.06 -11.82
CA SER A 300 -19.80 0.12 -11.10
C SER A 300 -19.00 -0.66 -10.06
N ILE A 301 -17.71 -0.88 -10.33
CA ILE A 301 -16.83 -1.49 -9.33
C ILE A 301 -16.69 -0.58 -8.12
N MET A 302 -16.44 0.71 -8.37
CA MET A 302 -16.36 1.67 -7.29
C MET A 302 -17.61 1.64 -6.43
N GLN A 303 -18.77 1.71 -7.08
CA GLN A 303 -20.01 1.80 -6.34
C GLN A 303 -20.15 0.55 -5.46
N ALA A 304 -19.79 -0.60 -6.00
CA ALA A 304 -19.83 -1.86 -5.26
C ALA A 304 -18.86 -1.85 -4.07
N CYS A 305 -17.68 -1.30 -4.28
CA CYS A 305 -16.70 -1.19 -3.20
C CYS A 305 -17.18 -0.28 -2.10
N TRP A 306 -18.07 0.64 -2.47
CA TRP A 306 -18.59 1.62 -1.52
C TRP A 306 -19.94 1.24 -0.91
N ALA A 307 -20.35 -0.02 -1.02
CA ALA A 307 -21.55 -0.45 -0.27
C ALA A 307 -21.38 -0.19 1.22
N LEU A 308 -22.40 0.37 1.86
CA LEU A 308 -22.29 0.75 3.27
C LEU A 308 -22.18 -0.53 4.11
N GLU A 309 -22.81 -1.60 3.67
CA GLU A 309 -22.74 -2.90 4.35
C GLU A 309 -21.48 -3.64 3.89
N PRO A 310 -20.53 -3.91 4.80
CA PRO A 310 -19.29 -4.49 4.31
C PRO A 310 -19.48 -5.82 3.59
N THR A 311 -20.46 -6.61 4.00
CA THR A 311 -20.66 -7.90 3.39
C THR A 311 -21.28 -7.81 2.00
N HIS A 312 -21.82 -6.65 1.64
CA HIS A 312 -22.35 -6.44 0.30
C HIS A 312 -21.26 -5.95 -0.68
N ARG A 313 -20.05 -5.74 -0.19
CA ARG A 313 -18.89 -5.42 -1.05
C ARG A 313 -18.33 -6.66 -1.71
N PRO A 314 -17.81 -6.49 -2.92
CA PRO A 314 -17.11 -7.62 -3.54
C PRO A 314 -15.79 -8.00 -2.83
N THR A 315 -15.26 -9.17 -3.19
CA THR A 315 -13.98 -9.60 -2.71
C THR A 315 -13.00 -9.19 -3.76
N PHE A 316 -11.73 -9.19 -3.40
CA PHE A 316 -10.72 -8.83 -4.37
C PHE A 316 -10.67 -9.85 -5.51
N GLN A 317 -10.86 -11.13 -5.22
CA GLN A 317 -10.92 -12.10 -6.34
C GLN A 317 -12.05 -11.84 -7.34
N GLN A 318 -13.24 -11.49 -6.84
CA GLN A 318 -14.34 -11.09 -7.70
C GLN A 318 -14.01 -9.85 -8.54
N ILE A 319 -13.33 -8.87 -7.92
CA ILE A 319 -12.83 -7.69 -8.66
C ILE A 319 -11.85 -8.05 -9.75
N CYS A 320 -10.88 -8.91 -9.45
CA CYS A 320 -9.92 -9.34 -10.46
C CYS A 320 -10.64 -10.05 -11.61
N SER A 321 -11.51 -10.97 -11.25
CA SER A 321 -12.26 -11.73 -12.24
C SER A 321 -13.04 -10.81 -13.18
N PHE A 322 -13.79 -9.85 -12.63
CA PHE A 322 -14.55 -8.90 -13.43
C PHE A 322 -13.66 -8.02 -14.29
N LEU A 323 -12.53 -7.57 -13.74
CA LEU A 323 -11.61 -6.74 -14.49
C LEU A 323 -11.03 -7.51 -15.68
N GLN A 324 -10.70 -8.79 -15.48
CA GLN A 324 -10.10 -9.60 -16.55
C GLN A 324 -11.11 -9.69 -17.71
N GLU A 325 -12.37 -9.92 -17.37
CA GLU A 325 -13.44 -9.70 -18.35
C GLU A 325 -13.41 -8.25 -18.77
S SO4 B . -1.81 -2.83 15.28
O1 SO4 B . -1.03 -3.86 14.59
O2 SO4 B . -1.41 -1.51 14.82
O3 SO4 B . -3.24 -3.02 15.04
O4 SO4 B . -1.57 -2.94 16.71
S SO4 C . -3.05 16.55 -2.48
O1 SO4 C . -2.52 15.26 -2.93
O2 SO4 C . -1.97 17.52 -2.53
O3 SO4 C . -4.17 17.03 -3.28
O4 SO4 C . -3.58 16.39 -1.13
S SO4 D . -19.45 5.52 -20.42
O1 SO4 D . -20.64 5.48 -21.27
O2 SO4 D . -19.83 5.95 -19.08
O3 SO4 D . -18.86 4.17 -20.51
O4 SO4 D . -18.48 6.50 -20.91
C01 8C5 E . 8.70 -3.05 2.77
O02 8C5 E . 9.56 -1.90 2.79
N03 8C5 E . 9.61 -1.19 1.60
C04 8C5 E . 9.24 0.19 1.50
O05 8C5 E . 8.88 0.89 2.44
C06 8C5 E . 9.60 0.94 0.22
C07 8C5 E . 9.46 2.30 0.16
N08 8C5 E . 9.50 3.07 -0.98
C09 8C5 E . 9.99 2.52 -2.20
N10 8C5 E . 10.12 3.27 -3.33
C11 8C5 E . 10.63 2.62 -4.50
N12 8C5 E . 10.95 1.31 -4.52
C13 8C5 E . 10.78 0.65 -3.37
C14 8C5 E . 10.32 1.16 -2.16
C15 8C5 E . 10.19 0.30 -0.97
O16 8C5 E . 10.53 -0.91 -1.03
N17 8C5 E . 10.69 3.51 -5.57
C18 8C5 E . 10.57 4.99 -5.66
C19 8C5 E . 9.71 5.75 -4.87
C20 8C5 E . 9.67 7.16 -4.95
C21 8C5 E . 10.45 7.91 -5.82
C22 8C5 E . 11.33 7.14 -6.60
C23 8C5 E . 11.38 5.76 -6.54
C24 8C5 E . 10.51 9.44 -5.77
C25 8C5 E . 11.84 9.92 -5.07
N26 8C5 E . 11.94 11.41 -4.82
C27 8C5 E . 10.64 12.06 -4.50
C28 8C5 E . 11.00 13.51 -4.14
C29 8C5 E . 12.45 13.44 -3.68
C30 8C5 E . 12.86 11.97 -3.78
C31 8C5 E . 8.84 4.47 -0.99
C32 8C5 E . 7.30 4.40 -0.91
C33 8C5 E . 6.66 5.78 -1.05
C34 8C5 E . 7.00 6.70 0.09
C35 8C5 E . 8.51 6.78 0.18
C36 8C5 E . 9.30 5.43 0.10
H24 8C5 E . 9.67 9.86 -5.20
H24A 8C5 E . 10.45 9.91 -6.77
H30 8C5 E . 13.95 11.91 -4.01
H30A 8C5 E . 12.70 11.44 -2.83
H35 8C5 E . 8.77 7.30 1.13
H36 8C5 E . 9.23 4.96 1.09
H01 8C5 E . 8.70 -3.67 1.85
H01A 8C5 E . 7.64 -2.70 2.83
H01B 8C5 E . 8.78 -3.75 3.62
HN03 8C5 E . 10.12 -1.69 0.88
H07 8C5 E . 8.96 2.80 1.01
H13 8C5 E . 11.08 -0.42 -3.44
HN17 8C5 E . 10.01 3.20 -6.26
H19 8C5 E . 9.03 5.27 -4.16
H20 8C5 E . 8.98 7.72 -4.30
H22 8C5 E . 11.99 7.68 -7.30
H23 8C5 E . 12.09 5.26 -7.20
H25 8C5 E . 11.99 9.35 -4.14
H25A 8C5 E . 12.68 9.65 -5.76
H27 8C5 E . 10.16 11.53 -3.66
H27A 8C5 E . 9.89 12.07 -5.33
H28 8C5 E . 10.86 14.22 -4.98
H28A 8C5 E . 10.35 13.93 -3.34
H29 8C5 E . 13.10 14.11 -4.29
H29A 8C5 E . 12.58 13.85 -2.66
H31 8C5 E . 9.10 4.95 -1.98
H32 8C5 E . 6.95 3.95 0.03
H32A 8C5 E . 6.89 3.75 -1.71
H33 8C5 E . 5.55 5.72 -1.16
H33A 8C5 E . 6.96 6.27 -2.01
H34 8C5 E . 6.54 7.70 -0.02
H34A 8C5 E . 6.55 6.32 1.04
H35A 8C5 E . 8.87 7.51 -0.57
H36A 8C5 E . 10.36 5.69 -0.04
#